data_2Q0R
#
_entry.id   2Q0R
#
_cell.length_a   59.437
_cell.length_b   56.856
_cell.length_c   105.747
_cell.angle_alpha   90.000
_cell.angle_beta   90.160
_cell.angle_gamma   90.000
#
_symmetry.space_group_name_H-M   'C 1 2 1'
#
loop_
_entity.id
_entity.type
_entity.pdbx_description
1 polymer Actin
2 non-polymer 'CALCIUM ION'
3 non-polymer "ADENOSINE-5'-TRIPHOSPHATE"
4 non-polymer PECTENOTOXIN-2
5 water water
#
_entity_poly.entity_id   1
_entity_poly.type   'polypeptide(L)'
_entity_poly.pdbx_seq_one_letter_code
;DEDETTALVCDNGSGLVKAGFAGDDAPRAVFPSIVGRPRHQGVMVGMGQKDSYVGDEAQSKRGILTLKYPIEHGIITNWD
DMEKIWHHTFYNELRVAPEEHPTLLTEAPLNPKANREKMTQIMFETFNVPAMYVAIQAVLSLYASGRTTGIVLDSGDGVT
HNVPIYEGYALPHAIMRLDLAGRDLTDYLMKILTERGYSFVTTAEREIVRDIKEKLCYVALDFENEMATAASSSSLEKSY
ELPDGQVITIGNERFRCPETLFQPSFIGMESAGIHETTYNSIMKCDIDIRKDLYANNVMSGGTTMYPGIADRMQKEITAL
APSTMKIKIIAPPERKYSVWIGGSILASLSTFQQMWITKQEYDEAGPSIVHRKCF
;
_entity_poly.pdbx_strand_id   A
#
# COMPACT_ATOMS: atom_id res chain seq x y z
N ALA A 7 -17.24 -3.24 15.56
CA ALA A 7 -16.85 -3.73 14.21
C ALA A 7 -15.33 -3.85 14.11
N LEU A 8 -14.91 -4.73 13.23
CA LEU A 8 -13.50 -4.98 12.92
C LEU A 8 -13.15 -4.30 11.60
N VAL A 9 -11.91 -3.83 11.52
CA VAL A 9 -11.38 -3.29 10.28
C VAL A 9 -10.10 -4.04 9.94
N CYS A 10 -10.09 -4.67 8.77
CA CYS A 10 -8.96 -5.44 8.31
CA CYS A 10 -8.98 -5.47 8.28
C CYS A 10 -8.54 -4.91 6.95
N ASP A 11 -7.30 -4.44 6.88
CA ASP A 11 -6.72 -3.88 5.67
C ASP A 11 -5.62 -4.82 5.20
N ASN A 12 -5.95 -5.64 4.21
CA ASN A 12 -5.01 -6.65 3.73
C ASN A 12 -4.16 -6.09 2.60
N GLY A 13 -2.86 -5.95 2.86
CA GLY A 13 -1.93 -5.50 1.84
C GLY A 13 -1.09 -6.67 1.36
N SER A 14 -0.37 -6.41 0.26
CA SER A 14 0.55 -7.36 -0.35
C SER A 14 1.65 -7.76 0.59
N GLY A 15 2.14 -6.78 1.37
CA GLY A 15 3.24 -7.00 2.28
C GLY A 15 2.85 -7.09 3.74
N LEU A 16 1.91 -6.23 4.17
CA LEU A 16 1.54 -6.12 5.58
C LEU A 16 0.03 -6.13 5.75
N VAL A 17 -0.42 -6.86 6.75
CA VAL A 17 -1.82 -6.77 7.22
C VAL A 17 -1.84 -5.69 8.27
N LYS A 18 -2.88 -4.85 8.23
CA LYS A 18 -3.19 -3.89 9.27
C LYS A 18 -4.59 -4.18 9.75
N ALA A 19 -4.74 -4.42 11.05
CA ALA A 19 -6.01 -4.87 11.61
C ALA A 19 -6.29 -4.27 12.96
N GLY A 20 -7.58 -4.12 13.27
CA GLY A 20 -7.95 -3.52 14.53
C GLY A 20 -9.44 -3.39 14.66
N PHE A 21 -9.83 -2.46 15.53
CA PHE A 21 -11.22 -2.28 15.91
C PHE A 21 -11.73 -0.90 15.48
N ALA A 22 -12.87 -0.90 14.81
CA ALA A 22 -13.51 0.32 14.35
C ALA A 22 -13.67 1.29 15.51
N GLY A 23 -13.27 2.53 15.31
CA GLY A 23 -13.36 3.55 16.34
C GLY A 23 -12.01 3.83 16.96
N ASP A 24 -11.06 2.92 16.79
CA ASP A 24 -9.71 3.15 17.29
C ASP A 24 -8.92 4.07 16.34
N ASP A 25 -7.91 4.72 16.92
CA ASP A 25 -6.93 5.65 16.33
C ASP A 25 -5.98 5.00 15.36
N ALA A 26 -5.77 3.70 15.57
CA ALA A 26 -4.62 3.02 14.98
C ALA A 26 -4.90 1.55 14.99
N PRO A 27 -4.32 0.82 14.02
CA PRO A 27 -4.51 -0.62 14.06
C PRO A 27 -3.78 -1.22 15.22
N ARG A 28 -4.39 -2.24 15.81
CA ARG A 28 -3.81 -2.93 16.94
C ARG A 28 -2.78 -3.95 16.48
N ALA A 29 -2.96 -4.44 15.25
CA ALA A 29 -2.08 -5.47 14.71
C ALA A 29 -1.56 -5.04 13.36
N VAL A 30 -0.25 -5.16 13.19
CA VAL A 30 0.40 -4.94 11.91
C VAL A 30 1.46 -6.00 11.74
N PHE A 31 1.30 -6.84 10.73
CA PHE A 31 2.18 -8.00 10.58
C PHE A 31 2.30 -8.43 9.13
N PRO A 32 3.39 -9.17 8.79
CA PRO A 32 3.56 -9.56 7.40
C PRO A 32 2.54 -10.53 6.86
N SER A 33 2.13 -10.26 5.63
CA SER A 33 1.11 -11.02 4.93
CA SER A 33 1.10 -11.02 4.96
C SER A 33 1.74 -12.24 4.28
N ILE A 34 2.19 -13.16 5.11
CA ILE A 34 2.92 -14.33 4.64
C ILE A 34 2.47 -15.59 5.36
N VAL A 35 2.56 -16.69 4.63
CA VAL A 35 2.48 -18.04 5.19
C VAL A 35 3.78 -18.75 4.79
N GLY A 36 4.47 -19.29 5.79
CA GLY A 36 5.75 -19.96 5.55
C GLY A 36 5.68 -21.44 5.89
N ARG A 37 6.42 -22.25 5.16
CA ARG A 37 6.39 -23.68 5.34
C ARG A 37 7.79 -24.23 5.41
N PRO A 38 8.04 -25.13 6.36
CA PRO A 38 9.37 -25.71 6.52
C PRO A 38 9.57 -26.81 5.48
N ARG A 39 10.80 -27.26 5.28
CA ARG A 39 11.00 -28.33 4.31
C ARG A 39 10.29 -29.60 4.81
N HIS A 40 9.86 -30.45 3.89
CA HIS A 40 9.12 -31.67 4.24
C HIS A 40 9.87 -32.47 5.29
N GLN A 41 9.16 -32.91 6.33
CA GLN A 41 9.80 -33.70 7.39
N ASP A 51 2.20 -28.24 9.01
CA ASP A 51 3.35 -27.42 9.33
C ASP A 51 3.33 -26.17 8.46
N SER A 52 2.76 -25.10 9.02
CA SER A 52 2.85 -23.77 8.43
C SER A 52 2.88 -22.73 9.54
N TYR A 53 3.47 -21.59 9.21
CA TYR A 53 3.61 -20.46 10.11
C TYR A 53 3.04 -19.22 9.41
N VAL A 54 2.40 -18.35 10.19
CA VAL A 54 1.73 -17.15 9.64
C VAL A 54 2.20 -15.87 10.32
N GLY A 55 2.42 -14.82 9.53
CA GLY A 55 2.69 -13.51 10.11
C GLY A 55 4.05 -13.43 10.79
N ASP A 56 4.07 -12.89 12.00
CA ASP A 56 5.33 -12.71 12.71
C ASP A 56 6.03 -14.03 12.95
N GLU A 57 5.28 -15.11 13.16
CA GLU A 57 5.90 -16.42 13.38
C GLU A 57 6.73 -16.84 12.18
N ALA A 58 6.19 -16.66 10.98
CA ALA A 58 6.91 -17.01 9.76
C ALA A 58 8.14 -16.12 9.53
N GLN A 59 8.01 -14.82 9.83
CA GLN A 59 9.09 -13.88 9.61
C GLN A 59 10.30 -14.27 10.46
N SER A 60 10.02 -14.70 11.69
CA SER A 60 11.03 -15.15 12.65
C SER A 60 11.86 -16.33 12.15
N LYS A 61 11.26 -17.14 11.27
CA LYS A 61 11.88 -18.39 10.78
C LYS A 61 12.20 -18.36 9.28
N ARG A 62 12.12 -17.19 8.67
CA ARG A 62 12.21 -17.05 7.19
C ARG A 62 13.35 -17.84 6.53
N GLY A 63 14.54 -17.82 7.14
CA GLY A 63 15.70 -18.50 6.58
C GLY A 63 15.50 -19.98 6.28
N ILE A 64 14.60 -20.62 7.03
CA ILE A 64 14.36 -22.05 6.84
C ILE A 64 12.98 -22.40 6.32
N LEU A 65 12.18 -21.38 5.97
CA LEU A 65 10.87 -21.57 5.39
C LEU A 65 10.84 -21.09 3.97
N THR A 66 9.91 -21.62 3.20
CA THR A 66 9.53 -21.01 1.96
C THR A 66 8.26 -20.19 2.21
N LEU A 67 8.29 -18.94 1.76
CA LEU A 67 7.21 -18.00 2.00
C LEU A 67 6.27 -17.91 0.80
N LYS A 68 4.96 -17.86 1.09
CA LYS A 68 3.97 -17.51 0.10
C LYS A 68 3.31 -16.23 0.57
N TYR A 69 3.14 -15.30 -0.35
CA TYR A 69 2.38 -14.08 -0.12
C TYR A 69 1.02 -14.29 -0.78
N PRO A 70 -0.05 -14.48 0.02
CA PRO A 70 -1.38 -14.72 -0.58
C PRO A 70 -2.00 -13.56 -1.35
N ILE A 71 -1.46 -12.36 -1.13
CA ILE A 71 -1.84 -11.17 -1.92
C ILE A 71 -0.66 -10.72 -2.77
N GLU A 72 -0.91 -10.63 -4.07
CA GLU A 72 0.08 -10.24 -5.06
C GLU A 72 -0.45 -9.02 -5.79
N HIS A 73 0.33 -7.93 -5.72
CA HIS A 73 -0.09 -6.66 -6.29
C HIS A 73 -1.47 -6.21 -5.84
N GLY A 74 -1.77 -6.46 -4.58
CA GLY A 74 -3.03 -6.03 -4.00
C GLY A 74 -4.21 -6.94 -4.18
N ILE A 75 -4.01 -8.00 -4.96
CA ILE A 75 -5.06 -8.94 -5.34
C ILE A 75 -4.85 -10.29 -4.64
N ILE A 76 -5.92 -10.83 -4.07
CA ILE A 76 -5.82 -12.12 -3.39
C ILE A 76 -5.66 -13.15 -4.50
N THR A 77 -4.61 -13.98 -4.39
CA THR A 77 -4.32 -15.00 -5.40
C THR A 77 -4.20 -16.41 -4.82
N ASN A 78 -4.02 -16.52 -3.52
CA ASN A 78 -3.97 -17.82 -2.84
C ASN A 78 -5.01 -17.87 -1.76
N TRP A 79 -6.18 -18.42 -2.07
CA TRP A 79 -7.31 -18.26 -1.18
C TRP A 79 -7.17 -19.10 0.08
N ASP A 80 -6.63 -20.32 -0.03
CA ASP A 80 -6.44 -21.14 1.15
C ASP A 80 -5.49 -20.49 2.16
N ASP A 81 -4.39 -19.88 1.69
CA ASP A 81 -3.49 -19.16 2.61
C ASP A 81 -4.08 -17.82 3.06
N MET A 82 -4.87 -17.17 2.22
CA MET A 82 -5.58 -15.98 2.70
C MET A 82 -6.49 -16.31 3.89
N GLU A 83 -7.18 -17.46 3.86
CA GLU A 83 -8.00 -17.85 4.99
C GLU A 83 -7.17 -18.02 6.23
N LYS A 84 -5.96 -18.57 6.10
CA LYS A 84 -5.06 -18.67 7.22
C LYS A 84 -4.71 -17.30 7.77
N ILE A 85 -4.52 -16.34 6.87
CA ILE A 85 -4.17 -14.99 7.30
C ILE A 85 -5.35 -14.39 8.06
N TRP A 86 -6.55 -14.54 7.52
CA TRP A 86 -7.75 -14.00 8.14
C TRP A 86 -7.98 -14.66 9.49
N HIS A 87 -7.84 -15.97 9.54
CA HIS A 87 -8.02 -16.66 10.80
C HIS A 87 -6.99 -16.21 11.82
N HIS A 88 -5.73 -16.07 11.41
CA HIS A 88 -4.65 -15.59 12.27
C HIS A 88 -4.93 -14.16 12.74
N THR A 89 -5.49 -13.35 11.86
CA THR A 89 -5.88 -11.98 12.23
C THR A 89 -6.95 -11.98 13.34
N PHE A 90 -8.02 -12.75 13.15
CA PHE A 90 -9.15 -12.76 14.09
C PHE A 90 -8.77 -13.42 15.42
N TYR A 91 -8.22 -14.61 15.33
CA TYR A 91 -7.96 -15.41 16.54
C TYR A 91 -6.70 -14.94 17.25
N ASN A 92 -5.57 -14.91 16.55
CA ASN A 92 -4.28 -14.69 17.21
C ASN A 92 -3.97 -13.24 17.48
N GLU A 93 -4.35 -12.39 16.54
CA GLU A 93 -3.99 -10.98 16.61
C GLU A 93 -5.03 -10.15 17.32
N LEU A 94 -6.30 -10.30 16.96
CA LEU A 94 -7.35 -9.47 17.57
C LEU A 94 -8.09 -10.16 18.71
N ARG A 95 -7.97 -11.48 18.79
CA ARG A 95 -8.57 -12.25 19.87
C ARG A 95 -10.08 -12.08 19.88
N VAL A 96 -10.66 -12.29 18.71
CA VAL A 96 -12.10 -12.18 18.53
C VAL A 96 -12.59 -13.39 17.74
N ALA A 97 -13.89 -13.65 17.91
CA ALA A 97 -14.61 -14.61 17.11
C ALA A 97 -15.36 -13.82 16.08
N PRO A 98 -15.04 -13.99 14.78
CA PRO A 98 -15.62 -13.10 13.76
C PRO A 98 -17.15 -13.17 13.68
N GLU A 99 -17.72 -14.28 14.14
CA GLU A 99 -19.16 -14.48 14.14
C GLU A 99 -19.90 -13.41 14.98
N GLU A 100 -19.15 -12.71 15.83
CA GLU A 100 -19.68 -11.72 16.78
C GLU A 100 -19.45 -10.26 16.36
N HIS A 101 -18.76 -10.03 15.23
CA HIS A 101 -18.41 -8.64 14.87
C HIS A 101 -18.62 -8.41 13.39
N PRO A 102 -19.38 -7.37 13.03
CA PRO A 102 -19.29 -6.90 11.67
C PRO A 102 -17.84 -6.63 11.26
N THR A 103 -17.52 -6.93 10.02
CA THR A 103 -16.12 -6.82 9.57
C THR A 103 -16.03 -6.04 8.28
N LEU A 104 -15.26 -4.96 8.31
CA LEU A 104 -15.00 -4.14 7.14
C LEU A 104 -13.65 -4.57 6.62
N LEU A 105 -13.60 -4.92 5.35
CA LEU A 105 -12.36 -5.30 4.69
C LEU A 105 -12.05 -4.23 3.65
N THR A 106 -10.84 -4.29 3.09
CA THR A 106 -10.46 -3.33 2.06
C THR A 106 -10.06 -4.11 0.81
N GLU A 107 -10.04 -3.44 -0.33
CA GLU A 107 -9.68 -4.06 -1.61
C GLU A 107 -8.94 -3.05 -2.45
N ALA A 108 -8.28 -3.56 -3.48
CA ALA A 108 -7.60 -2.74 -4.46
C ALA A 108 -8.61 -1.92 -5.26
N PRO A 109 -8.22 -0.73 -5.73
CA PRO A 109 -9.12 0.04 -6.59
C PRO A 109 -9.63 -0.62 -7.85
N LEU A 110 -8.86 -1.57 -8.39
CA LEU A 110 -9.29 -2.46 -9.47
C LEU A 110 -9.16 -3.86 -8.93
N ASN A 111 -10.30 -4.54 -8.76
CA ASN A 111 -10.31 -5.87 -8.15
C ASN A 111 -11.30 -6.73 -8.91
N PRO A 112 -10.85 -7.87 -9.45
CA PRO A 112 -11.77 -8.66 -10.25
C PRO A 112 -13.06 -9.06 -9.56
N LYS A 113 -14.15 -9.06 -10.33
CA LYS A 113 -15.46 -9.39 -9.80
C LYS A 113 -15.46 -10.70 -9.01
N ALA A 114 -14.86 -11.74 -9.57
CA ALA A 114 -14.85 -13.06 -8.91
C ALA A 114 -14.21 -13.02 -7.53
N ASN A 115 -13.20 -12.14 -7.36
CA ASN A 115 -12.52 -12.02 -6.09
C ASN A 115 -13.36 -11.33 -5.01
N ARG A 116 -14.16 -10.37 -5.44
CA ARG A 116 -15.05 -9.67 -4.53
C ARG A 116 -16.10 -10.64 -3.99
N GLU A 117 -16.65 -11.45 -4.89
CA GLU A 117 -17.63 -12.47 -4.50
C GLU A 117 -17.03 -13.53 -3.60
N LYS A 118 -15.79 -13.92 -3.87
CA LYS A 118 -15.16 -14.97 -3.06
C LYS A 118 -14.86 -14.48 -1.66
N MET A 119 -14.32 -13.25 -1.55
CA MET A 119 -14.11 -12.66 -0.23
C MET A 119 -15.43 -12.63 0.55
N THR A 120 -16.49 -12.22 -0.12
CA THR A 120 -17.79 -12.14 0.50
C THR A 120 -18.25 -13.51 0.94
N GLN A 121 -18.19 -14.48 0.04
CA GLN A 121 -18.57 -15.87 0.37
C GLN A 121 -17.78 -16.43 1.54
N ILE A 122 -16.48 -16.18 1.57
CA ILE A 122 -15.65 -16.70 2.65
C ILE A 122 -16.01 -16.07 3.99
N MET A 123 -16.25 -14.77 4.00
CA MET A 123 -16.54 -14.11 5.28
C MET A 123 -17.84 -14.61 5.89
N PHE A 124 -18.85 -14.80 5.06
CA PHE A 124 -20.18 -15.20 5.55
C PHE A 124 -20.25 -16.70 5.80
N GLU A 125 -19.73 -17.50 4.89
CA GLU A 125 -19.87 -18.95 5.03
C GLU A 125 -18.77 -19.60 5.86
N THR A 126 -17.56 -19.11 5.78
CA THR A 126 -16.45 -19.72 6.51
C THR A 126 -16.23 -19.06 7.86
N PHE A 127 -16.24 -17.74 7.90
CA PHE A 127 -16.03 -17.03 9.16
C PHE A 127 -17.34 -16.66 9.85
N ASN A 128 -18.47 -16.85 9.16
CA ASN A 128 -19.80 -16.60 9.72
C ASN A 128 -20.03 -15.21 10.29
N VAL A 129 -19.44 -14.20 9.67
CA VAL A 129 -19.65 -12.83 10.12
C VAL A 129 -21.13 -12.43 10.04
N PRO A 130 -21.58 -11.58 10.97
CA PRO A 130 -22.94 -11.07 10.98
C PRO A 130 -23.23 -10.03 9.92
N ALA A 131 -22.17 -9.33 9.51
CA ALA A 131 -22.26 -8.25 8.55
C ALA A 131 -20.87 -8.00 7.99
N MET A 132 -20.82 -7.47 6.79
CA MET A 132 -19.52 -7.07 6.25
C MET A 132 -19.63 -6.04 5.15
N TYR A 133 -18.50 -5.42 4.87
CA TYR A 133 -18.41 -4.38 3.86
C TYR A 133 -17.02 -4.46 3.32
N VAL A 134 -16.87 -4.13 2.04
CA VAL A 134 -15.54 -3.98 1.45
C VAL A 134 -15.41 -2.62 0.79
N ALA A 135 -14.36 -1.90 1.18
CA ALA A 135 -14.10 -0.53 0.72
C ALA A 135 -12.79 -0.45 -0.07
N ILE A 136 -12.73 0.45 -1.04
CA ILE A 136 -11.50 0.70 -1.79
C ILE A 136 -10.43 1.38 -0.92
N GLN A 137 -9.23 0.81 -0.92
CA GLN A 137 -8.19 1.26 -0.02
C GLN A 137 -7.92 2.76 -0.15
N ALA A 138 -7.73 3.23 -1.38
CA ALA A 138 -7.38 4.66 -1.57
C ALA A 138 -8.48 5.60 -1.05
N VAL A 139 -9.72 5.19 -1.21
CA VAL A 139 -10.85 6.02 -0.76
C VAL A 139 -10.75 6.18 0.74
N LEU A 140 -10.50 5.08 1.46
CA LEU A 140 -10.34 5.16 2.91
C LEU A 140 -9.22 6.12 3.28
N SER A 141 -8.10 6.07 2.56
CA SER A 141 -7.03 7.02 2.86
C SER A 141 -7.46 8.47 2.73
N LEU A 142 -8.27 8.75 1.73
CA LEU A 142 -8.75 10.14 1.55
C LEU A 142 -9.59 10.55 2.75
N TYR A 143 -10.51 9.68 3.14
CA TYR A 143 -11.33 9.92 4.36
C TYR A 143 -10.45 10.22 5.58
N ALA A 144 -9.36 9.47 5.75
CA ALA A 144 -8.45 9.66 6.88
C ALA A 144 -7.77 11.05 6.91
N SER A 145 -7.64 11.67 5.75
CA SER A 145 -7.05 13.01 5.64
C SER A 145 -8.09 14.10 5.87
N GLY A 146 -9.33 13.70 6.14
CA GLY A 146 -10.43 14.64 6.40
C GLY A 146 -11.14 15.18 5.18
N ARG A 147 -11.02 14.46 4.04
CA ARG A 147 -11.56 14.86 2.76
C ARG A 147 -12.52 13.84 2.18
N THR A 148 -13.45 14.30 1.35
CA THR A 148 -14.22 13.41 0.51
C THR A 148 -14.01 13.67 -0.97
N THR A 149 -13.20 14.68 -1.31
CA THR A 149 -12.80 14.94 -2.68
C THR A 149 -11.30 15.11 -2.76
N GLY A 150 -10.67 14.46 -3.74
CA GLY A 150 -9.22 14.59 -3.92
C GLY A 150 -8.74 13.44 -4.77
N ILE A 151 -7.43 13.41 -5.06
CA ILE A 151 -6.88 12.29 -5.82
C ILE A 151 -5.80 11.69 -4.96
N VAL A 152 -5.92 10.39 -4.73
CA VAL A 152 -4.99 9.69 -3.89
C VAL A 152 -3.97 8.96 -4.75
N LEU A 153 -2.71 9.05 -4.34
CA LEU A 153 -1.65 8.13 -4.81
C LEU A 153 -1.38 7.18 -3.66
N ASP A 154 -1.70 5.91 -3.85
CA ASP A 154 -1.55 4.88 -2.82
C ASP A 154 -0.49 3.92 -3.36
N SER A 155 0.63 3.81 -2.65
CA SER A 155 1.76 2.97 -3.07
C SER A 155 2.25 2.18 -1.89
N GLY A 156 2.18 0.85 -1.99
CA GLY A 156 2.53 -0.06 -0.91
C GLY A 156 3.72 -0.93 -1.26
N ASP A 157 3.66 -2.20 -0.88
CA ASP A 157 4.73 -3.14 -1.19
C ASP A 157 4.60 -3.82 -2.54
N GLY A 158 3.37 -3.86 -3.05
CA GLY A 158 3.04 -4.64 -4.23
C GLY A 158 2.45 -3.94 -5.42
N VAL A 159 1.77 -2.82 -5.21
CA VAL A 159 1.13 -2.13 -6.29
C VAL A 159 0.96 -0.66 -5.91
N THR A 160 0.78 0.15 -6.95
CA THR A 160 0.53 1.56 -6.83
C THR A 160 -0.71 1.88 -7.65
N HIS A 161 -1.60 2.73 -7.11
CA HIS A 161 -2.75 3.23 -7.85
C HIS A 161 -2.91 4.73 -7.68
N ASN A 162 -3.48 5.34 -8.73
CA ASN A 162 -4.08 6.68 -8.61
C ASN A 162 -5.57 6.57 -8.66
N VAL A 163 -6.22 7.20 -7.69
CA VAL A 163 -7.66 7.11 -7.52
C VAL A 163 -8.23 8.51 -7.30
N PRO A 164 -8.87 9.09 -8.33
CA PRO A 164 -9.58 10.37 -8.13
C PRO A 164 -10.96 10.11 -7.55
N ILE A 165 -11.38 10.95 -6.61
CA ILE A 165 -12.52 10.70 -5.75
C ILE A 165 -13.32 12.00 -5.67
N TYR A 166 -14.63 11.93 -5.87
CA TYR A 166 -15.48 13.11 -5.76
C TYR A 166 -16.69 12.84 -4.87
N GLU A 167 -16.86 13.68 -3.85
CA GLU A 167 -17.95 13.55 -2.90
C GLU A 167 -18.06 12.16 -2.32
N GLY A 168 -16.92 11.54 -2.03
CA GLY A 168 -16.92 10.27 -1.34
C GLY A 168 -16.68 9.04 -2.20
N TYR A 169 -16.83 9.17 -3.53
CA TYR A 169 -16.78 8.02 -4.42
C TYR A 169 -15.70 8.15 -5.48
N ALA A 170 -14.96 7.05 -5.68
CA ALA A 170 -13.98 6.98 -6.73
C ALA A 170 -14.64 7.13 -8.12
N LEU A 171 -13.90 7.73 -9.04
CA LEU A 171 -14.33 7.82 -10.42
C LEU A 171 -13.70 6.64 -11.14
N PRO A 172 -14.48 5.56 -11.33
CA PRO A 172 -13.83 4.30 -11.69
C PRO A 172 -13.08 4.27 -13.01
N HIS A 173 -13.52 5.06 -13.98
CA HIS A 173 -12.93 5.02 -15.30
C HIS A 173 -11.62 5.78 -15.31
N ALA A 174 -11.34 6.59 -14.28
CA ALA A 174 -10.11 7.41 -14.24
C ALA A 174 -9.00 6.83 -13.36
N ILE A 175 -9.24 5.65 -12.79
CA ILE A 175 -8.24 4.97 -11.94
C ILE A 175 -7.08 4.50 -12.77
N MET A 176 -5.85 4.67 -12.22
CA MET A 176 -4.61 4.24 -12.89
C MET A 176 -3.90 3.27 -11.95
N ARG A 177 -3.24 2.29 -12.54
CA ARG A 177 -2.51 1.26 -11.81
C ARG A 177 -1.09 1.18 -12.36
N LEU A 178 -0.13 1.11 -11.44
CA LEU A 178 1.26 0.81 -11.79
C LEU A 178 1.70 -0.44 -11.03
N ASP A 179 2.34 -1.36 -11.73
CA ASP A 179 2.89 -2.53 -11.07
C ASP A 179 3.97 -2.18 -10.02
N LEU A 180 4.68 -1.10 -10.26
CA LEU A 180 5.84 -0.70 -9.46
C LEU A 180 5.42 -0.37 -8.05
N ALA A 181 6.10 -0.97 -7.06
CA ALA A 181 5.89 -0.62 -5.68
C ALA A 181 7.11 -0.97 -4.82
N GLY A 182 6.92 -1.03 -3.51
CA GLY A 182 8.04 -1.10 -2.57
C GLY A 182 8.95 -2.31 -2.71
N ARG A 183 8.39 -3.49 -2.98
CA ARG A 183 9.25 -4.67 -3.10
C ARG A 183 10.19 -4.53 -4.28
N ASP A 184 9.69 -3.97 -5.39
CA ASP A 184 10.54 -3.69 -6.56
C ASP A 184 11.67 -2.73 -6.19
N LEU A 185 11.34 -1.72 -5.37
CA LEU A 185 12.36 -0.77 -4.93
C LEU A 185 13.41 -1.44 -4.03
N THR A 186 12.99 -2.32 -3.14
CA THR A 186 13.96 -3.05 -2.32
C THR A 186 14.86 -3.89 -3.20
N ASP A 187 14.27 -4.59 -4.16
CA ASP A 187 15.05 -5.39 -5.10
C ASP A 187 16.07 -4.53 -5.84
N TYR A 188 15.67 -3.33 -6.25
CA TYR A 188 16.55 -2.42 -7.00
C TYR A 188 17.67 -1.88 -6.12
N LEU A 189 17.36 -1.50 -4.89
CA LEU A 189 18.41 -1.13 -3.96
C LEU A 189 19.42 -2.27 -3.76
N MET A 190 18.94 -3.50 -3.64
CA MET A 190 19.84 -4.61 -3.49
C MET A 190 20.75 -4.70 -4.73
N LYS A 191 20.16 -4.57 -5.91
CA LYS A 191 20.93 -4.61 -7.18
C LYS A 191 22.03 -3.58 -7.23
N ILE A 192 21.68 -2.34 -6.91
CA ILE A 192 22.65 -1.25 -7.02
C ILE A 192 23.68 -1.27 -5.91
N LEU A 193 23.33 -1.77 -4.71
CA LEU A 193 24.34 -1.98 -3.67
C LEU A 193 25.28 -3.13 -4.05
N THR A 194 24.75 -4.17 -4.68
CA THR A 194 25.57 -5.26 -5.18
C THR A 194 26.56 -4.73 -6.22
N GLU A 195 26.12 -3.81 -7.06
CA GLU A 195 26.97 -3.21 -8.09
C GLU A 195 28.10 -2.37 -7.48
N ARG A 196 27.83 -1.78 -6.33
CA ARG A 196 28.83 -0.99 -5.59
C ARG A 196 29.90 -1.90 -5.00
N GLY A 197 29.59 -3.17 -4.86
CA GLY A 197 30.54 -4.18 -4.41
C GLY A 197 30.13 -4.93 -3.15
N TYR A 198 28.93 -4.65 -2.65
CA TYR A 198 28.44 -5.35 -1.46
C TYR A 198 27.72 -6.66 -1.84
N SER A 199 27.38 -7.44 -0.83
CA SER A 199 26.79 -8.75 -1.08
C SER A 199 25.57 -8.93 -0.20
N PHE A 200 24.44 -9.30 -0.82
CA PHE A 200 23.18 -9.48 -0.09
C PHE A 200 22.45 -10.69 -0.69
N VAL A 201 22.77 -11.89 -0.20
CA VAL A 201 22.29 -13.16 -0.78
C VAL A 201 21.45 -14.05 0.15
N THR A 202 21.46 -13.75 1.44
CA THR A 202 20.66 -14.49 2.39
C THR A 202 19.37 -13.72 2.64
N THR A 203 18.40 -14.40 3.23
CA THR A 203 17.15 -13.75 3.61
C THR A 203 17.42 -12.63 4.61
N ALA A 204 18.32 -12.87 5.58
CA ALA A 204 18.69 -11.86 6.56
C ALA A 204 19.26 -10.63 5.87
N GLU A 205 20.08 -10.86 4.84
CA GLU A 205 20.69 -9.76 4.09
C GLU A 205 19.64 -8.97 3.32
N ARG A 206 18.67 -9.66 2.74
CA ARG A 206 17.54 -8.98 2.12
C ARG A 206 16.78 -8.07 3.10
N GLU A 207 16.52 -8.56 4.31
CA GLU A 207 15.86 -7.76 5.33
C GLU A 207 16.68 -6.50 5.67
N ILE A 208 18.01 -6.64 5.70
CA ILE A 208 18.89 -5.50 5.87
C ILE A 208 18.67 -4.47 4.75
N VAL A 209 18.57 -4.91 3.51
CA VAL A 209 18.36 -3.95 2.44
C VAL A 209 17.06 -3.17 2.63
N ARG A 210 15.99 -3.86 3.02
CA ARG A 210 14.72 -3.21 3.22
C ARG A 210 14.85 -2.14 4.31
N ASP A 211 15.62 -2.43 5.35
CA ASP A 211 15.84 -1.46 6.43
C ASP A 211 16.59 -0.25 5.91
N ILE A 212 17.64 -0.49 5.13
CA ILE A 212 18.40 0.63 4.53
C ILE A 212 17.46 1.53 3.72
N LYS A 213 16.62 0.91 2.90
CA LYS A 213 15.65 1.63 2.08
C LYS A 213 14.76 2.49 2.95
N GLU A 214 14.24 1.91 4.03
CA GLU A 214 13.29 2.62 4.88
C GLU A 214 13.93 3.71 5.74
N LYS A 215 15.20 3.58 6.03
CA LYS A 215 15.88 4.49 6.95
C LYS A 215 16.67 5.59 6.27
N LEU A 216 17.21 5.32 5.08
CA LEU A 216 18.20 6.22 4.43
C LEU A 216 17.83 6.73 3.02
N CYS A 217 16.85 6.14 2.36
CA CYS A 217 16.53 6.60 1.01
C CYS A 217 15.70 7.89 1.07
N TYR A 218 15.77 8.67 0.01
CA TYR A 218 15.02 9.91 -0.11
C TYR A 218 14.86 10.23 -1.58
N VAL A 219 13.89 11.07 -1.91
CA VAL A 219 13.66 11.50 -3.30
C VAL A 219 14.34 12.83 -3.58
N ALA A 220 15.24 12.83 -4.57
CA ALA A 220 15.93 14.05 -5.00
C ALA A 220 15.02 15.01 -5.69
N LEU A 221 15.24 16.30 -5.49
CA LEU A 221 14.42 17.26 -6.21
C LEU A 221 14.75 17.23 -7.72
N ASP A 222 16.02 17.08 -8.03
CA ASP A 222 16.46 16.90 -9.41
C ASP A 222 17.54 15.84 -9.46
N PHE A 223 17.29 14.79 -10.20
CA PHE A 223 18.19 13.66 -10.24
C PHE A 223 19.61 14.00 -10.66
N GLU A 224 19.72 14.71 -11.77
CA GLU A 224 21.06 14.97 -12.32
C GLU A 224 21.89 15.82 -11.35
N ASN A 225 21.25 16.85 -10.81
CA ASN A 225 21.97 17.75 -9.89
C ASN A 225 22.43 16.98 -8.65
N GLU A 226 21.59 16.08 -8.18
CA GLU A 226 21.91 15.30 -6.99
C GLU A 226 23.02 14.30 -7.27
N MET A 227 22.98 13.70 -8.46
CA MET A 227 24.05 12.81 -8.87
C MET A 227 25.37 13.57 -8.93
N ALA A 228 25.35 14.83 -9.36
CA ALA A 228 26.59 15.61 -9.48
C ALA A 228 27.15 15.91 -8.10
N THR A 229 26.26 16.21 -7.17
CA THR A 229 26.68 16.42 -5.80
C THR A 229 27.32 15.17 -5.23
N ALA A 230 26.68 14.02 -5.45
CA ALA A 230 27.19 12.75 -4.94
C ALA A 230 28.53 12.35 -5.57
N ALA A 231 28.74 12.77 -6.82
CA ALA A 231 29.94 12.45 -7.59
C ALA A 231 31.17 13.18 -7.07
N SER A 232 30.97 14.39 -6.54
CA SER A 232 32.06 15.30 -6.25
C SER A 232 32.26 15.61 -4.77
N SER A 233 31.44 15.03 -3.91
CA SER A 233 31.50 15.31 -2.49
C SER A 233 31.00 14.10 -1.73
N SER A 234 31.28 14.10 -0.43
CA SER A 234 30.72 13.06 0.44
CA SER A 234 30.77 13.09 0.49
C SER A 234 29.50 13.58 1.20
N SER A 235 28.98 14.74 0.80
CA SER A 235 27.90 15.44 1.51
C SER A 235 26.58 14.69 1.64
N LEU A 236 26.32 13.78 0.70
CA LEU A 236 25.08 13.00 0.75
C LEU A 236 25.27 11.58 1.24
N GLU A 237 26.48 11.22 1.64
CA GLU A 237 26.78 9.89 2.10
C GLU A 237 26.33 9.67 3.56
N LYS A 238 25.84 8.46 3.82
CA LYS A 238 25.49 8.01 5.17
C LYS A 238 26.13 6.67 5.48
N SER A 239 26.64 6.50 6.71
CA SER A 239 27.17 5.22 7.12
C SER A 239 26.00 4.41 7.66
N TYR A 240 25.93 3.14 7.28
CA TYR A 240 24.91 2.25 7.82
C TYR A 240 25.60 1.07 8.48
N GLU A 241 25.36 0.89 9.78
CA GLU A 241 25.87 -0.29 10.48
C GLU A 241 24.91 -1.46 10.41
N LEU A 242 25.39 -2.58 9.85
CA LEU A 242 24.65 -3.83 9.81
C LEU A 242 24.62 -4.42 11.22
N PRO A 243 23.66 -5.33 11.48
CA PRO A 243 23.55 -5.93 12.81
C PRO A 243 24.86 -6.56 13.28
N ASP A 244 25.65 -7.10 12.34
CA ASP A 244 26.88 -7.83 12.70
C ASP A 244 28.11 -6.95 12.89
N GLY A 245 27.94 -5.63 12.76
CA GLY A 245 29.04 -4.68 12.88
C GLY A 245 29.69 -4.18 11.61
N GLN A 246 29.50 -4.84 10.47
CA GLN A 246 29.99 -4.31 9.22
C GLN A 246 29.38 -2.93 9.01
N VAL A 247 30.13 -2.04 8.35
CA VAL A 247 29.63 -0.71 8.05
C VAL A 247 29.78 -0.49 6.57
N ILE A 248 28.71 0.00 5.97
CA ILE A 248 28.74 0.27 4.55
C ILE A 248 28.31 1.72 4.31
N THR A 249 28.80 2.30 3.24
CA THR A 249 28.50 3.67 2.94
C THR A 249 27.45 3.66 1.84
N ILE A 250 26.35 4.35 2.13
CA ILE A 250 25.29 4.52 1.13
CA ILE A 250 25.23 4.52 1.20
C ILE A 250 25.32 5.97 0.68
N GLY A 251 25.53 6.15 -0.63
CA GLY A 251 25.69 7.45 -1.20
C GLY A 251 24.52 7.72 -2.15
N ASN A 252 24.82 7.82 -3.43
CA ASN A 252 23.75 8.08 -4.39
C ASN A 252 22.67 7.02 -4.46
N GLU A 253 22.93 5.84 -3.94
CA GLU A 253 21.88 4.80 -3.86
C GLU A 253 20.68 5.29 -3.05
N ARG A 254 20.93 6.22 -2.12
CA ARG A 254 19.86 6.76 -1.29
C ARG A 254 18.71 7.29 -2.14
N PHE A 255 19.05 8.02 -3.22
CA PHE A 255 18.02 8.65 -4.02
C PHE A 255 17.84 7.97 -5.38
N ARG A 256 18.82 7.20 -5.82
CA ARG A 256 18.62 6.42 -7.05
C ARG A 256 17.50 5.40 -6.87
N CYS A 257 17.38 4.83 -5.68
CA CYS A 257 16.37 3.81 -5.45
C CYS A 257 14.92 4.34 -5.72
N PRO A 258 14.44 5.36 -4.95
CA PRO A 258 13.08 5.84 -5.21
C PRO A 258 12.92 6.70 -6.47
N GLU A 259 13.99 7.10 -7.13
CA GLU A 259 13.87 7.81 -8.41
C GLU A 259 13.06 6.97 -9.40
N THR A 260 13.20 5.66 -9.25
CA THR A 260 12.42 4.70 -10.03
C THR A 260 10.91 5.00 -10.08
N LEU A 261 10.34 5.52 -8.99
CA LEU A 261 8.91 5.91 -9.00
C LEU A 261 8.57 6.93 -10.08
N PHE A 262 9.48 7.88 -10.33
CA PHE A 262 9.33 8.91 -11.37
C PHE A 262 9.84 8.46 -12.74
N GLN A 263 10.82 7.55 -12.75
CA GLN A 263 11.40 7.01 -14.00
C GLN A 263 11.51 5.49 -13.91
N PRO A 264 10.40 4.77 -14.15
CA PRO A 264 10.43 3.30 -14.04
C PRO A 264 11.39 2.59 -14.95
N SER A 265 11.93 3.30 -15.95
CA SER A 265 12.91 2.71 -16.85
C SER A 265 14.14 2.24 -16.08
N PHE A 266 14.41 2.79 -14.89
CA PHE A 266 15.55 2.33 -14.06
C PHE A 266 15.49 0.83 -13.76
N ILE A 267 14.28 0.25 -13.73
CA ILE A 267 14.16 -1.20 -13.55
C ILE A 267 13.59 -1.93 -14.77
N GLY A 268 13.70 -1.29 -15.92
CA GLY A 268 13.35 -1.90 -17.19
C GLY A 268 11.86 -1.89 -17.44
N MET A 269 11.12 -1.09 -16.70
CA MET A 269 9.68 -0.92 -16.97
C MET A 269 9.47 0.22 -17.94
N GLU A 270 8.54 0.05 -18.89
CA GLU A 270 8.25 1.08 -19.91
C GLU A 270 7.15 2.07 -19.50
N SER A 271 6.60 1.82 -18.32
CA SER A 271 5.46 2.54 -17.78
CA SER A 271 5.46 2.56 -17.79
C SER A 271 5.79 4.00 -17.50
N ALA A 272 4.74 4.82 -17.45
CA ALA A 272 4.82 6.18 -16.95
C ALA A 272 5.13 6.14 -15.46
N GLY A 273 5.75 7.22 -15.00
CA GLY A 273 6.04 7.42 -13.58
C GLY A 273 4.85 7.99 -12.81
N ILE A 274 4.98 8.07 -11.49
CA ILE A 274 3.82 8.39 -10.64
C ILE A 274 3.28 9.82 -10.85
N HIS A 275 4.13 10.73 -11.31
CA HIS A 275 3.68 12.11 -11.62
C HIS A 275 2.83 12.10 -12.86
N GLU A 276 3.23 11.28 -13.82
CA GLU A 276 2.56 11.18 -15.13
C GLU A 276 1.23 10.47 -14.99
N THR A 277 1.19 9.42 -14.18
CA THR A 277 -0.08 8.71 -13.93
C THR A 277 -1.08 9.58 -13.14
N THR A 278 -0.58 10.35 -12.18
CA THR A 278 -1.42 11.31 -11.44
C THR A 278 -2.07 12.29 -12.40
N TYR A 279 -1.25 12.93 -13.25
CA TYR A 279 -1.72 13.87 -14.25
C TYR A 279 -2.74 13.23 -15.20
N ASN A 280 -2.42 12.06 -15.73
CA ASN A 280 -3.29 11.42 -16.67
C ASN A 280 -4.63 11.04 -16.03
N SER A 281 -4.60 10.61 -14.77
CA SER A 281 -5.82 10.32 -14.02
C SER A 281 -6.70 11.57 -13.88
N ILE A 282 -6.07 12.69 -13.54
CA ILE A 282 -6.84 13.94 -13.37
C ILE A 282 -7.48 14.33 -14.69
N MET A 283 -6.72 14.17 -15.75
CA MET A 283 -7.19 14.54 -17.08
C MET A 283 -8.32 13.67 -17.59
N LYS A 284 -8.56 12.53 -16.96
CA LYS A 284 -9.68 11.64 -17.30
C LYS A 284 -10.97 12.05 -16.59
N CYS A 285 -10.89 13.09 -15.78
CA CYS A 285 -12.03 13.49 -14.97
C CYS A 285 -12.66 14.72 -15.61
N ASP A 286 -13.94 14.93 -15.30
CA ASP A 286 -14.67 16.14 -15.70
C ASP A 286 -13.83 17.37 -15.45
N ILE A 287 -13.72 18.21 -16.45
CA ILE A 287 -12.88 19.40 -16.38
C ILE A 287 -13.22 20.26 -15.15
N ASP A 288 -14.49 20.25 -14.72
CA ASP A 288 -14.90 21.10 -13.62
C ASP A 288 -14.48 20.62 -12.23
N ILE A 289 -13.99 19.37 -12.11
CA ILE A 289 -13.50 18.88 -10.82
C ILE A 289 -11.99 18.83 -10.72
N ARG A 290 -11.30 19.11 -11.82
CA ARG A 290 -9.82 19.01 -11.85
C ARG A 290 -9.15 19.99 -10.88
N LYS A 291 -9.66 21.20 -10.77
CA LYS A 291 -9.10 22.16 -9.82
C LYS A 291 -9.06 21.56 -8.40
N ASP A 292 -10.14 20.89 -8.01
CA ASP A 292 -10.23 20.34 -6.67
C ASP A 292 -9.27 19.16 -6.52
N LEU A 293 -9.09 18.39 -7.61
CA LEU A 293 -8.17 17.25 -7.54
C LEU A 293 -6.72 17.72 -7.40
N TYR A 294 -6.33 18.69 -8.21
CA TYR A 294 -4.97 19.23 -8.17
C TYR A 294 -4.59 19.83 -6.82
N ALA A 295 -5.58 20.43 -6.16
CA ALA A 295 -5.40 21.04 -4.85
C ALA A 295 -5.50 20.05 -3.66
N ASN A 296 -5.73 18.77 -3.97
CA ASN A 296 -5.97 17.77 -2.95
C ASN A 296 -5.36 16.41 -3.39
N ASN A 297 -4.07 16.45 -3.70
CA ASN A 297 -3.27 15.24 -4.05
C ASN A 297 -2.77 14.63 -2.75
N VAL A 298 -3.38 13.53 -2.30
CA VAL A 298 -3.06 12.92 -1.01
C VAL A 298 -2.22 11.66 -1.22
N MET A 299 -1.10 11.56 -0.53
CA MET A 299 -0.25 10.39 -0.64
C MET A 299 -0.59 9.40 0.43
N SER A 300 -0.63 8.12 0.05
CA SER A 300 -0.96 7.03 0.95
C SER A 300 0.01 5.87 0.77
N GLY A 301 0.29 5.13 1.84
CA GLY A 301 1.04 3.87 1.76
C GLY A 301 2.52 4.04 2.01
N GLY A 302 3.16 2.95 2.40
CA GLY A 302 4.53 3.00 2.87
C GLY A 302 5.50 3.48 1.81
N THR A 303 5.22 3.22 0.55
CA THR A 303 6.18 3.62 -0.52
C THR A 303 6.10 5.13 -0.82
N THR A 304 5.14 5.83 -0.24
CA THR A 304 5.15 7.28 -0.30
C THR A 304 5.85 7.94 0.89
N MET A 305 6.55 7.15 1.73
CA MET A 305 7.16 7.68 2.94
C MET A 305 8.52 8.32 2.71
N TYR A 306 9.09 8.19 1.52
CA TYR A 306 10.41 8.75 1.25
C TYR A 306 10.44 10.27 1.50
N PRO A 307 11.40 10.73 2.30
CA PRO A 307 11.63 12.17 2.39
C PRO A 307 11.83 12.77 1.02
N GLY A 308 11.24 13.94 0.83
CA GLY A 308 11.32 14.68 -0.40
C GLY A 308 10.30 14.34 -1.46
N ILE A 309 9.49 13.30 -1.23
CA ILE A 309 8.57 12.88 -2.27
C ILE A 309 7.50 13.97 -2.58
N ALA A 310 7.01 14.65 -1.56
CA ALA A 310 5.99 15.68 -1.78
C ALA A 310 6.53 16.85 -2.61
N ASP A 311 7.74 17.29 -2.27
CA ASP A 311 8.34 18.39 -3.03
C ASP A 311 8.61 18.01 -4.48
N ARG A 312 9.03 16.77 -4.70
CA ARG A 312 9.30 16.32 -6.07
C ARG A 312 7.99 16.20 -6.83
N MET A 313 6.97 15.65 -6.20
CA MET A 313 5.65 15.58 -6.86
CA MET A 313 5.66 15.57 -6.87
C MET A 313 5.11 16.97 -7.18
N GLN A 314 5.27 17.88 -6.25
CA GLN A 314 4.86 19.27 -6.50
C GLN A 314 5.52 19.81 -7.79
N LYS A 315 6.83 19.63 -7.89
CA LYS A 315 7.59 20.11 -9.02
C LYS A 315 7.08 19.47 -10.31
N GLU A 316 6.94 18.15 -10.30
CA GLU A 316 6.58 17.44 -11.53
C GLU A 316 5.15 17.72 -11.97
N ILE A 317 4.22 17.81 -11.02
CA ILE A 317 2.84 18.08 -11.39
C ILE A 317 2.72 19.52 -11.88
N THR A 318 3.45 20.43 -11.26
CA THR A 318 3.47 21.82 -11.71
C THR A 318 3.94 21.90 -13.18
N ALA A 319 4.94 21.11 -13.54
CA ALA A 319 5.45 21.12 -14.91
C ALA A 319 4.42 20.63 -15.94
N LEU A 320 3.50 19.77 -15.52
CA LEU A 320 2.49 19.16 -16.43
C LEU A 320 1.17 19.94 -16.48
N ALA A 321 0.85 20.62 -15.37
CA ALA A 321 -0.48 21.23 -15.21
C ALA A 321 -0.51 22.63 -15.82
N PRO A 322 -1.73 23.17 -16.05
CA PRO A 322 -1.81 24.56 -16.50
C PRO A 322 -1.08 25.51 -15.56
N SER A 323 -0.52 26.58 -16.13
CA SER A 323 0.31 27.52 -15.38
C SER A 323 -0.41 28.20 -14.22
N THR A 324 -1.71 28.41 -14.36
CA THR A 324 -2.49 29.06 -13.32
C THR A 324 -3.00 28.10 -12.24
N MET A 325 -2.73 26.80 -12.37
CA MET A 325 -3.36 25.84 -11.48
C MET A 325 -2.67 25.81 -10.12
N LYS A 326 -3.45 25.76 -9.05
CA LYS A 326 -2.92 25.57 -7.72
C LYS A 326 -2.70 24.07 -7.48
N ILE A 327 -1.46 23.70 -7.17
CA ILE A 327 -1.10 22.30 -6.93
C ILE A 327 -0.78 22.15 -5.45
N LYS A 328 -1.41 21.19 -4.80
CA LYS A 328 -1.10 20.89 -3.42
C LYS A 328 -0.99 19.40 -3.19
N ILE A 329 0.14 19.00 -2.61
CA ILE A 329 0.44 17.63 -2.29
C ILE A 329 0.37 17.51 -0.77
N ILE A 330 -0.47 16.61 -0.30
CA ILE A 330 -0.64 16.37 1.13
C ILE A 330 -0.04 15.00 1.46
N ALA A 331 0.89 14.98 2.40
CA ALA A 331 1.57 13.77 2.82
C ALA A 331 1.41 13.57 4.33
N PRO A 332 0.29 12.98 4.75
CA PRO A 332 0.04 12.80 6.17
C PRO A 332 1.13 11.99 6.87
N PRO A 333 1.57 12.42 8.06
CA PRO A 333 2.58 11.67 8.79
C PRO A 333 2.23 10.20 9.01
N GLU A 334 0.95 9.91 9.19
CA GLU A 334 0.47 8.56 9.51
C GLU A 334 0.12 7.73 8.29
N ARG A 335 0.63 8.10 7.11
CA ARG A 335 0.14 7.49 5.87
C ARG A 335 0.53 6.02 5.62
N LYS A 336 1.39 5.43 6.45
CA LYS A 336 1.55 3.96 6.42
C LYS A 336 0.27 3.27 6.89
N TYR A 337 -0.56 4.02 7.62
CA TYR A 337 -1.74 3.45 8.24
C TYR A 337 -3.06 4.15 7.86
N SER A 338 -3.02 5.05 6.87
CA SER A 338 -4.20 5.85 6.53
C SER A 338 -5.37 5.06 5.99
N VAL A 339 -5.08 3.98 5.26
CA VAL A 339 -6.16 3.17 4.72
C VAL A 339 -6.92 2.60 5.88
N TRP A 340 -6.19 2.02 6.83
CA TRP A 340 -6.84 1.42 7.98
C TRP A 340 -7.65 2.49 8.76
N ILE A 341 -7.02 3.62 9.01
CA ILE A 341 -7.64 4.68 9.80
C ILE A 341 -8.94 5.14 9.13
N GLY A 342 -8.92 5.32 7.82
CA GLY A 342 -10.14 5.62 7.05
C GLY A 342 -11.24 4.56 7.21
N GLY A 343 -10.83 3.30 7.23
CA GLY A 343 -11.76 2.18 7.51
C GLY A 343 -12.40 2.30 8.88
N SER A 344 -11.59 2.66 9.86
CA SER A 344 -12.07 2.87 11.22
C SER A 344 -13.10 3.98 11.27
N ILE A 345 -12.80 5.07 10.60
CA ILE A 345 -13.74 6.21 10.50
C ILE A 345 -15.05 5.77 9.87
N LEU A 346 -14.96 5.15 8.71
CA LEU A 346 -16.14 4.75 7.95
C LEU A 346 -17.00 3.78 8.74
N ALA A 347 -16.39 2.73 9.27
CA ALA A 347 -17.11 1.68 10.01
C ALA A 347 -17.77 2.24 11.29
N SER A 348 -17.28 3.38 11.76
CA SER A 348 -17.78 4.05 12.99
C SER A 348 -18.89 5.06 12.74
N LEU A 349 -19.20 5.32 11.47
CA LEU A 349 -20.15 6.37 11.12
C LEU A 349 -21.60 5.84 11.21
N SER A 350 -22.46 6.56 11.91
CA SER A 350 -23.86 6.11 12.11
C SER A 350 -24.58 5.99 10.78
N THR A 351 -24.36 6.97 9.91
CA THR A 351 -24.97 6.97 8.59
C THR A 351 -24.50 5.82 7.69
N PHE A 352 -23.41 5.14 8.08
CA PHE A 352 -22.84 4.04 7.29
C PHE A 352 -23.50 2.71 7.64
N GLN A 353 -24.14 2.64 8.81
CA GLN A 353 -24.64 1.37 9.33
C GLN A 353 -25.69 0.72 8.43
N GLN A 354 -26.38 1.53 7.62
CA GLN A 354 -27.27 1.00 6.61
C GLN A 354 -26.50 0.35 5.46
N MET A 355 -25.21 0.65 5.34
CA MET A 355 -24.43 0.21 4.20
C MET A 355 -23.87 -1.20 4.35
N TRP A 356 -23.73 -1.71 5.57
CA TRP A 356 -23.27 -3.10 5.79
C TRP A 356 -24.09 -4.10 4.96
N ILE A 357 -23.42 -5.14 4.44
CA ILE A 357 -24.10 -6.33 3.97
C ILE A 357 -24.38 -7.15 5.21
N THR A 358 -25.65 -7.54 5.43
CA THR A 358 -26.01 -8.33 6.60
C THR A 358 -26.04 -9.79 6.18
N LYS A 359 -25.90 -10.67 7.15
CA LYS A 359 -26.04 -12.12 6.94
C LYS A 359 -27.36 -12.46 6.25
N GLN A 360 -28.45 -11.83 6.68
CA GLN A 360 -29.76 -12.01 6.03
C GLN A 360 -29.69 -11.64 4.54
N GLU A 361 -29.07 -10.51 4.23
CA GLU A 361 -28.92 -10.11 2.84
C GLU A 361 -28.09 -11.12 2.06
N TYR A 362 -27.03 -11.63 2.68
CA TYR A 362 -26.18 -12.62 2.03
C TYR A 362 -26.96 -13.91 1.77
N ASP A 363 -27.66 -14.37 2.81
CA ASP A 363 -28.45 -15.61 2.75
C ASP A 363 -29.46 -15.58 1.60
N GLU A 364 -30.02 -14.40 1.35
CA GLU A 364 -31.00 -14.21 0.29
C GLU A 364 -30.39 -14.06 -1.09
N ALA A 365 -29.35 -13.23 -1.18
CA ALA A 365 -28.82 -12.79 -2.46
C ALA A 365 -27.53 -13.52 -2.92
N GLY A 366 -26.79 -14.09 -1.98
CA GLY A 366 -25.53 -14.77 -2.31
C GLY A 366 -24.41 -13.78 -2.53
N PRO A 367 -23.21 -14.27 -2.89
CA PRO A 367 -21.99 -13.44 -3.07
C PRO A 367 -22.12 -12.22 -3.97
N SER A 368 -22.99 -12.28 -4.99
CA SER A 368 -23.19 -11.17 -5.92
C SER A 368 -23.71 -9.90 -5.25
N ILE A 369 -24.21 -10.03 -4.03
CA ILE A 369 -24.67 -8.89 -3.23
C ILE A 369 -23.58 -7.81 -3.12
N VAL A 370 -22.32 -8.20 -3.07
CA VAL A 370 -21.23 -7.22 -2.99
C VAL A 370 -21.26 -6.18 -4.13
N HIS A 371 -21.72 -6.59 -5.32
CA HIS A 371 -21.78 -5.68 -6.46
CA HIS A 371 -21.78 -5.68 -6.46
C HIS A 371 -22.76 -4.55 -6.20
N ARG A 372 -23.86 -4.88 -5.52
CA ARG A 372 -24.93 -3.94 -5.23
C ARG A 372 -24.64 -3.04 -4.04
N LYS A 373 -23.91 -3.53 -3.04
CA LYS A 373 -23.76 -2.80 -1.78
C LYS A 373 -22.42 -2.08 -1.61
N CYS A 374 -21.40 -2.51 -2.36
CA CYS A 374 -20.04 -2.02 -2.13
C CYS A 374 -19.44 -1.39 -3.39
N PHE A 375 -19.41 -0.05 -3.42
CA PHE A 375 -18.81 0.71 -4.52
C PHE A 375 -18.23 2.04 -4.05
#